data_4W9Z
#
_entry.id   4W9Z
#
_cell.length_a   32.431
_cell.length_b   38.612
_cell.length_c   59.644
_cell.angle_alpha   90.000
_cell.angle_beta   97.630
_cell.angle_gamma   90.000
#
_symmetry.space_group_name_H-M   'P 1 21 1'
#
loop_
_entity.id
_entity.type
_entity.pdbx_description
1 polymer 'Cytochrome c oxidase subunit 2'
2 non-polymer 'COPPER (II) ION'
3 water water
#
_entity_poly.entity_id   1
_entity_poly.type   'polypeptide(L)'
_entity_poly.pdbx_seq_one_letter_code
;MVPKADLTIKATGKQWYWSYAYPDNGKFEFDSLMAQDKQPRLLGVDNEMVVPVNKVIRVQVTGADVIHAFALPAFGVKID
AIPGRLNETWFKAAKTGMFYGQCSELCGKDHAFMPIAIRVVEDKEFASWVETAKKKFAS
;
_entity_poly.pdbx_strand_id   A
#
loop_
_chem_comp.id
_chem_comp.type
_chem_comp.name
_chem_comp.formula
CU non-polymer 'COPPER (II) ION' 'Cu 2'
#
# COMPACT_ATOMS: atom_id res chain seq x y z
N MET A 1 10.34 -15.93 -6.93
CA MET A 1 10.87 -14.88 -7.81
CA MET A 1 10.90 -14.87 -7.81
C MET A 1 9.84 -13.79 -8.03
N VAL A 2 10.28 -12.55 -8.10
CA VAL A 2 9.36 -11.44 -8.44
C VAL A 2 9.41 -11.21 -9.94
N PRO A 3 8.26 -11.28 -10.65
CA PRO A 3 8.22 -11.07 -12.07
C PRO A 3 8.57 -9.64 -12.45
N LYS A 4 8.76 -9.46 -13.74
CA LYS A 4 9.06 -8.14 -14.26
C LYS A 4 7.94 -7.16 -13.90
N ALA A 5 8.26 -5.99 -13.25
CA ALA A 5 7.18 -5.14 -12.74
C ALA A 5 6.91 -3.96 -13.67
N ASP A 6 5.65 -3.59 -13.73
CA ASP A 6 5.27 -2.37 -14.41
C ASP A 6 5.52 -1.10 -13.60
N LEU A 7 5.45 -1.23 -12.27
CA LEU A 7 5.63 -0.14 -11.35
C LEU A 7 6.04 -0.68 -10.00
N THR A 8 6.74 0.13 -9.23
CA THR A 8 7.08 -0.21 -7.85
C THR A 8 6.46 0.81 -6.94
N ILE A 9 5.96 0.30 -5.79
CA ILE A 9 5.56 1.14 -4.66
C ILE A 9 6.29 0.63 -3.43
N LYS A 10 6.76 1.54 -2.60
CA LYS A 10 7.35 1.17 -1.34
C LYS A 10 6.36 1.40 -0.20
N ALA A 11 6.09 0.33 0.56
CA ALA A 11 5.21 0.37 1.69
C ALA A 11 6.04 0.26 2.98
N THR A 12 5.98 1.31 3.80
CA THR A 12 6.70 1.32 5.04
C THR A 12 5.71 1.26 6.21
N GLY A 13 5.84 0.20 7.03
CA GLY A 13 5.03 0.07 8.20
C GLY A 13 5.58 0.87 9.37
N LYS A 14 4.66 1.54 10.07
CA LYS A 14 4.98 2.37 11.19
C LYS A 14 3.94 2.13 12.28
N GLN A 15 4.23 2.51 13.52
CA GLN A 15 3.25 2.49 14.58
C GLN A 15 2.33 3.71 14.50
N TRP A 16 1.06 3.61 14.04
CA TRP A 16 0.36 2.45 13.55
C TRP A 16 -0.36 2.86 12.24
N TYR A 17 0.40 2.85 11.14
CA TYR A 17 -0.06 3.27 9.83
C TYR A 17 0.95 2.82 8.82
N TRP A 18 0.61 3.03 7.54
CA TRP A 18 1.55 2.74 6.44
C TRP A 18 1.84 4.00 5.69
N SER A 19 3.08 4.13 5.19
CA SER A 19 3.45 5.16 4.25
C SER A 19 3.73 4.52 2.88
N TYR A 20 3.27 5.14 1.82
CA TYR A 20 3.44 4.65 0.47
C TYR A 20 4.23 5.64 -0.37
N ALA A 21 5.33 5.18 -0.94
CA ALA A 21 6.18 5.98 -1.80
C ALA A 21 6.07 5.43 -3.23
N TYR A 22 6.15 6.35 -4.20
CA TYR A 22 5.94 6.05 -5.63
C TYR A 22 7.20 6.41 -6.42
N PRO A 23 8.23 5.53 -6.38
CA PRO A 23 9.50 5.85 -7.04
C PRO A 23 9.40 6.02 -8.50
N ASP A 24 8.43 5.39 -9.16
CA ASP A 24 8.27 5.43 -10.61
C ASP A 24 7.30 6.49 -11.05
N ASN A 25 6.75 7.26 -10.12
CA ASN A 25 5.72 8.28 -10.46
C ASN A 25 6.04 9.61 -9.81
N GLY A 26 7.35 9.91 -9.77
CA GLY A 26 7.76 11.24 -9.29
C GLY A 26 8.22 11.26 -7.85
N LYS A 27 8.34 10.13 -7.20
CA LYS A 27 9.00 10.00 -5.90
C LYS A 27 8.23 10.70 -4.76
N PHE A 28 6.94 10.85 -4.90
CA PHE A 28 6.15 11.33 -3.80
C PHE A 28 5.84 10.21 -2.80
N GLU A 29 5.50 10.61 -1.57
CA GLU A 29 5.18 9.70 -0.50
C GLU A 29 4.09 10.31 0.39
N PHE A 30 3.21 9.44 0.89
CA PHE A 30 2.17 9.91 1.75
C PHE A 30 1.87 8.87 2.82
N ASP A 31 1.24 9.34 3.89
CA ASP A 31 0.78 8.46 4.97
C ASP A 31 -0.66 8.04 4.75
N SER A 32 -0.94 6.79 5.12
CA SER A 32 -2.25 6.20 4.96
C SER A 32 -2.78 5.83 6.36
N LEU A 33 -3.61 6.69 6.91
CA LEU A 33 -4.02 6.67 8.31
C LEU A 33 -5.46 6.15 8.43
N MET A 34 -5.71 5.27 9.40
CA MET A 34 -7.07 4.74 9.57
C MET A 34 -8.01 5.83 9.79
N ALA A 35 -9.19 5.72 9.08
CA ALA A 35 -10.22 6.71 9.07
C ALA A 35 -11.41 6.16 9.82
N GLN A 36 -12.16 5.25 9.23
CA GLN A 36 -13.34 4.73 10.05
C GLN A 36 -14.46 5.74 10.51
N ASP A 37 -14.33 7.02 10.13
CA ASP A 37 -15.35 7.79 9.40
C ASP A 37 -15.79 7.01 8.14
N LYS A 38 -14.98 5.99 7.80
CA LYS A 38 -15.05 5.29 6.53
C LYS A 38 -15.33 3.76 6.64
N GLN A 39 -16.23 3.28 5.80
CA GLN A 39 -16.40 1.83 5.59
C GLN A 39 -15.26 1.29 4.71
N PRO A 40 -14.90 0.00 4.81
CA PRO A 40 -15.39 -0.92 5.88
C PRO A 40 -14.75 -0.66 7.22
N ARG A 41 -15.46 -1.04 8.31
CA ARG A 41 -14.97 -0.86 9.69
C ARG A 41 -13.60 -1.55 9.76
N LEU A 42 -12.66 -0.83 10.39
CA LEU A 42 -11.24 -1.23 10.64
C LEU A 42 -10.36 -1.23 9.41
N LEU A 43 -10.92 -0.96 8.23
CA LEU A 43 -10.18 -1.04 6.96
C LEU A 43 -10.07 0.19 6.22
N GLY A 44 -10.87 1.19 6.44
CA GLY A 44 -10.78 2.43 5.60
C GLY A 44 -9.72 3.39 6.14
N VAL A 45 -9.19 4.17 5.25
CA VAL A 45 -8.08 5.13 5.51
C VAL A 45 -8.33 6.46 4.80
N ASP A 46 -7.59 7.50 5.18
CA ASP A 46 -7.66 8.78 4.50
C ASP A 46 -7.18 8.68 3.08
N ASN A 47 -6.01 8.08 2.84
CA ASN A 47 -5.32 8.11 1.55
C ASN A 47 -4.97 6.64 1.22
N GLU A 48 -5.66 6.07 0.27
CA GLU A 48 -5.44 4.73 -0.21
CA GLU A 48 -5.40 4.72 -0.12
C GLU A 48 -4.19 4.62 -1.07
N MET A 49 -3.64 3.42 -1.13
CA MET A 49 -2.66 3.12 -2.18
C MET A 49 -3.39 2.92 -3.49
N VAL A 50 -3.20 3.75 -4.47
CA VAL A 50 -3.86 3.67 -5.78
C VAL A 50 -2.93 3.02 -6.74
N VAL A 51 -3.45 2.07 -7.52
CA VAL A 51 -2.64 1.35 -8.49
C VAL A 51 -3.47 1.12 -9.77
N PRO A 52 -2.78 0.95 -10.90
CA PRO A 52 -3.49 0.57 -12.13
C PRO A 52 -3.77 -0.92 -12.18
N VAL A 53 -4.91 -1.26 -12.76
CA VAL A 53 -5.35 -2.63 -13.02
C VAL A 53 -4.49 -3.29 -14.07
N ASN A 54 -4.41 -4.63 -13.97
CA ASN A 54 -3.79 -5.40 -15.02
C ASN A 54 -2.30 -5.10 -15.26
N LYS A 55 -1.64 -4.75 -14.12
CA LYS A 55 -0.23 -4.42 -14.13
C LYS A 55 0.47 -5.13 -12.96
N VAL A 56 1.72 -5.57 -13.20
CA VAL A 56 2.52 -6.14 -12.11
C VAL A 56 3.00 -4.98 -11.23
N ILE A 57 2.53 -4.98 -9.99
CA ILE A 57 2.92 -3.97 -8.99
C ILE A 57 3.94 -4.63 -8.06
N ARG A 58 5.20 -4.21 -8.14
CA ARG A 58 6.17 -4.67 -7.16
C ARG A 58 5.99 -3.81 -5.92
N VAL A 59 5.84 -4.46 -4.76
CA VAL A 59 5.71 -3.76 -3.49
C VAL A 59 6.98 -4.04 -2.68
N GLN A 60 7.76 -3.00 -2.45
CA GLN A 60 8.91 -3.09 -1.58
C GLN A 60 8.41 -2.80 -0.16
N VAL A 61 8.73 -3.62 0.79
CA VAL A 61 8.13 -3.59 2.11
C VAL A 61 9.18 -3.48 3.20
N THR A 62 9.05 -2.50 4.09
CA THR A 62 9.98 -2.37 5.20
C THR A 62 9.20 -1.78 6.38
N GLY A 63 9.88 -1.72 7.52
CA GLY A 63 9.33 -1.06 8.70
C GLY A 63 10.18 0.09 9.11
N ALA A 64 9.61 1.03 9.86
CA ALA A 64 10.36 2.22 10.31
C ALA A 64 10.72 2.19 11.78
N ASP A 65 10.10 1.35 12.59
CA ASP A 65 10.24 1.44 14.04
C ASP A 65 10.37 0.01 14.60
N VAL A 66 9.24 -0.73 14.61
CA VAL A 66 9.23 -2.13 15.01
C VAL A 66 8.91 -2.97 13.78
N ILE A 67 8.93 -4.30 13.93
CA ILE A 67 8.55 -5.20 12.83
C ILE A 67 7.03 -5.13 12.67
N HIS A 68 6.59 -4.92 11.42
CA HIS A 68 5.21 -5.06 11.01
C HIS A 68 5.16 -6.18 9.98
N ALA A 69 4.01 -6.41 9.35
CA ALA A 69 3.94 -7.31 8.19
C ALA A 69 2.81 -6.84 7.29
N PHE A 70 3.06 -6.87 6.01
CA PHE A 70 2.14 -6.42 4.98
C PHE A 70 1.37 -7.62 4.47
N ALA A 71 0.08 -7.69 4.81
CA ALA A 71 -0.79 -8.83 4.44
C ALA A 71 -1.96 -8.32 3.58
N LEU A 72 -2.11 -8.90 2.37
CA LEU A 72 -3.15 -8.58 1.44
CA LEU A 72 -3.16 -8.59 1.39
C LEU A 72 -3.76 -9.92 0.84
N PRO A 73 -4.78 -10.39 1.62
CA PRO A 73 -5.30 -11.75 1.38
C PRO A 73 -5.85 -11.94 -0.03
N ALA A 74 -6.45 -10.91 -0.63
CA ALA A 74 -7.05 -11.12 -1.96
C ALA A 74 -6.03 -11.51 -3.01
N PHE A 75 -4.76 -11.14 -2.78
CA PHE A 75 -3.67 -11.42 -3.66
C PHE A 75 -2.69 -12.47 -3.15
N GLY A 76 -3.02 -13.07 -2.02
CA GLY A 76 -2.10 -14.05 -1.46
C GLY A 76 -0.76 -13.46 -1.01
N VAL A 77 -0.77 -12.23 -0.58
CA VAL A 77 0.42 -11.54 -0.18
C VAL A 77 0.54 -11.51 1.33
N LYS A 78 1.72 -11.88 1.82
CA LYS A 78 2.03 -11.74 3.25
C LYS A 78 3.52 -11.68 3.40
N ILE A 79 4.10 -10.56 3.85
CA ILE A 79 5.56 -10.46 3.92
C ILE A 79 5.94 -9.56 5.07
N ASP A 80 7.03 -9.89 5.73
CA ASP A 80 7.48 -9.09 6.87
C ASP A 80 7.99 -7.71 6.48
N ALA A 81 7.72 -6.76 7.34
CA ALA A 81 8.12 -5.37 7.20
C ALA A 81 9.07 -5.02 8.34
N ILE A 82 10.35 -5.35 8.11
CA ILE A 82 11.38 -5.35 9.13
C ILE A 82 12.23 -4.08 8.96
N PRO A 83 12.37 -3.26 10.00
CA PRO A 83 13.19 -2.06 9.90
C PRO A 83 14.62 -2.43 9.63
N GLY A 84 15.23 -1.81 8.65
CA GLY A 84 16.60 -2.08 8.23
C GLY A 84 16.70 -3.00 7.04
N ARG A 85 15.56 -3.62 6.64
CA ARG A 85 15.51 -4.61 5.58
C ARG A 85 14.51 -4.23 4.53
N LEU A 86 14.86 -4.31 3.26
CA LEU A 86 13.91 -4.06 2.17
C LEU A 86 13.47 -5.39 1.57
N ASN A 87 12.29 -5.87 1.90
CA ASN A 87 11.72 -7.08 1.32
C ASN A 87 10.96 -6.71 0.06
N GLU A 88 10.62 -7.66 -0.80
CA GLU A 88 9.86 -7.41 -1.95
C GLU A 88 8.83 -8.45 -2.18
N THR A 89 7.64 -8.03 -2.59
CA THR A 89 6.57 -8.90 -3.07
C THR A 89 5.93 -8.24 -4.29
N TRP A 90 4.79 -8.79 -4.74
CA TRP A 90 4.12 -8.19 -5.88
C TRP A 90 2.71 -8.67 -5.93
N PHE A 91 1.92 -7.96 -6.71
CA PHE A 91 0.56 -8.45 -7.04
C PHE A 91 0.21 -7.90 -8.42
N LYS A 92 -0.80 -8.49 -9.03
CA LYS A 92 -1.41 -7.99 -10.27
C LYS A 92 -2.89 -8.12 -10.08
N ALA A 93 -3.61 -6.99 -10.07
CA ALA A 93 -5.07 -7.02 -9.89
C ALA A 93 -5.71 -7.20 -11.26
N ALA A 94 -6.58 -8.20 -11.39
CA ALA A 94 -7.22 -8.49 -12.59
C ALA A 94 -8.41 -7.63 -12.84
N LYS A 95 -8.96 -6.94 -11.83
CA LYS A 95 -10.09 -6.11 -11.96
C LYS A 95 -9.97 -4.88 -11.04
N THR A 96 -10.72 -3.85 -11.37
CA THR A 96 -10.83 -2.63 -10.55
C THR A 96 -11.56 -2.87 -9.26
N GLY A 97 -11.38 -1.96 -8.28
CA GLY A 97 -12.08 -1.95 -7.06
C GLY A 97 -11.16 -1.75 -5.84
N MET A 98 -11.75 -1.95 -4.67
CA MET A 98 -11.05 -1.81 -3.40
C MET A 98 -10.61 -3.18 -2.89
N PHE A 99 -9.44 -3.24 -2.32
CA PHE A 99 -8.89 -4.45 -1.77
C PHE A 99 -8.24 -4.06 -0.45
N TYR A 100 -8.36 -4.93 0.58
CA TYR A 100 -7.95 -4.55 1.94
C TYR A 100 -7.06 -5.61 2.53
N GLY A 101 -6.16 -5.13 3.38
CA GLY A 101 -5.34 -6.00 4.23
C GLY A 101 -5.06 -5.33 5.57
N GLN A 102 -4.17 -5.97 6.30
CA GLN A 102 -3.94 -5.59 7.67
CA GLN A 102 -3.93 -5.63 7.72
C GLN A 102 -2.44 -5.86 8.01
N CYS A 103 -1.93 -5.18 9.02
CA CYS A 103 -0.69 -5.63 9.60
C CYS A 103 -0.85 -7.01 10.26
N SER A 104 0.02 -7.94 9.93
CA SER A 104 -0.07 -9.31 10.44
C SER A 104 1.03 -9.68 11.42
N GLU A 105 1.76 -8.71 11.96
CA GLU A 105 2.75 -8.96 13.01
C GLU A 105 2.42 -8.06 14.19
N LEU A 106 2.12 -8.67 15.34
CA LEU A 106 1.81 -7.85 16.55
C LEU A 106 2.90 -6.82 16.77
N CYS A 107 2.48 -5.55 16.90
CA CYS A 107 3.39 -4.41 16.87
C CYS A 107 2.99 -3.34 17.87
N GLY A 108 2.20 -3.75 18.88
CA GLY A 108 1.79 -2.85 19.96
C GLY A 108 0.35 -2.41 19.86
N LYS A 109 0.06 -1.29 20.55
CA LYS A 109 -1.26 -0.90 20.92
C LYS A 109 -2.26 -0.88 19.84
N ASP A 110 -1.90 -0.36 18.67
CA ASP A 110 -2.81 -0.11 17.57
C ASP A 110 -2.52 -1.03 16.38
N HIS A 111 -1.89 -2.18 16.67
CA HIS A 111 -1.70 -3.25 15.64
C HIS A 111 -2.95 -3.56 14.83
N ALA A 112 -4.10 -3.63 15.50
CA ALA A 112 -5.32 -4.06 14.85
C ALA A 112 -5.93 -2.96 13.97
N PHE A 113 -5.28 -1.79 14.00
CA PHE A 113 -5.89 -0.55 13.42
C PHE A 113 -4.88 0.14 12.49
N MET A 114 -4.12 -0.65 11.72
CA MET A 114 -3.22 -0.08 10.69
C MET A 114 -3.49 -0.78 9.34
N PRO A 115 -4.70 -0.57 8.81
CA PRO A 115 -5.10 -1.28 7.60
C PRO A 115 -4.36 -0.84 6.35
N ILE A 116 -4.33 -1.77 5.41
CA ILE A 116 -3.86 -1.55 4.09
C ILE A 116 -5.09 -1.44 3.17
N ALA A 117 -5.22 -0.34 2.45
CA ALA A 117 -6.36 -0.15 1.53
C ALA A 117 -5.82 0.17 0.16
N ILE A 118 -6.17 -0.63 -0.83
CA ILE A 118 -5.66 -0.45 -2.20
C ILE A 118 -6.88 -0.20 -3.07
N ARG A 119 -6.79 0.86 -3.89
CA ARG A 119 -7.80 1.19 -4.87
C ARG A 119 -7.23 0.97 -6.25
N VAL A 120 -7.82 -0.01 -6.97
CA VAL A 120 -7.36 -0.38 -8.29
C VAL A 120 -8.21 0.34 -9.33
N VAL A 121 -7.55 1.05 -10.25
CA VAL A 121 -8.25 1.89 -11.23
C VAL A 121 -7.67 1.66 -12.61
N GLU A 122 -8.32 2.18 -13.64
CA GLU A 122 -7.78 2.12 -14.99
C GLU A 122 -6.61 3.02 -15.19
N ASP A 123 -5.89 2.82 -16.31
CA ASP A 123 -4.71 3.65 -16.60
C ASP A 123 -5.01 5.16 -16.58
N LYS A 124 -6.13 5.55 -17.19
CA LYS A 124 -6.45 6.97 -17.31
C LYS A 124 -6.60 7.56 -15.91
N GLU A 125 -7.40 6.91 -15.07
CA GLU A 125 -7.59 7.43 -13.73
C GLU A 125 -6.31 7.37 -12.89
N PHE A 126 -5.49 6.32 -13.09
CA PHE A 126 -4.24 6.27 -12.36
C PHE A 126 -3.37 7.50 -12.69
N ALA A 127 -3.28 7.84 -13.96
CA ALA A 127 -2.46 8.99 -14.38
C ALA A 127 -3.02 10.27 -13.79
N SER A 128 -4.32 10.45 -13.80
CA SER A 128 -4.95 11.64 -13.23
CA SER A 128 -4.92 11.68 -13.21
C SER A 128 -4.69 11.70 -11.73
N TRP A 129 -4.81 10.53 -11.05
CA TRP A 129 -4.55 10.49 -9.62
C TRP A 129 -3.13 10.86 -9.30
N VAL A 130 -2.16 10.35 -10.11
CA VAL A 130 -0.76 10.71 -9.92
C VAL A 130 -0.59 12.23 -10.03
N GLU A 131 -1.24 12.87 -11.01
CA GLU A 131 -1.10 14.32 -11.13
C GLU A 131 -1.48 14.99 -9.82
N THR A 132 -2.64 14.60 -9.30
CA THR A 132 -3.13 15.22 -8.10
CA THR A 132 -3.14 15.21 -8.09
C THR A 132 -2.25 14.92 -6.90
N ALA A 133 -1.81 13.67 -6.81
CA ALA A 133 -1.02 13.22 -5.68
C ALA A 133 0.33 13.97 -5.64
N LYS A 134 0.95 14.15 -6.80
CA LYS A 134 2.24 14.88 -6.79
C LYS A 134 2.11 16.24 -6.21
N LYS A 135 1.00 16.91 -6.49
CA LYS A 135 0.79 18.24 -5.94
C LYS A 135 0.39 18.15 -4.46
N LYS A 136 -0.53 17.24 -4.11
CA LYS A 136 -1.02 17.12 -2.72
C LYS A 136 0.09 16.79 -1.76
N PHE A 137 0.94 15.86 -2.18
CA PHE A 137 1.95 15.29 -1.32
C PHE A 137 3.30 15.86 -1.53
N ALA A 138 3.46 16.87 -2.37
CA ALA A 138 4.25 18.07 -2.12
C ALA A 138 4.97 18.54 -3.35
CU CU B . 1.96 -3.11 12.58
CU CU C . 0.94 -5.04 13.74
#